data_1T4U
#
_entry.id   1T4U
#
_cell.length_a   70.710
_cell.length_b   72.230
_cell.length_c   72.680
_cell.angle_alpha   90.00
_cell.angle_beta   100.30
_cell.angle_gamma   90.00
#
_symmetry.space_group_name_H-M   'C 1 2 1'
#
loop_
_entity.id
_entity.type
_entity.pdbx_description
1 polymer Prothrombin
2 polymer Prothrombin
3 polymer 'Hirudin IIIA'
4 non-polymer '2-METHANESULFONYL-BENZENESULFONIC ACID 3-METHYL-5-((1-AMIDINOAMINOOXYMETHYL-CYCLOPROPYL)METHYLOXY)-PHENYLESTER'
5 water water
#
loop_
_entity_poly.entity_id
_entity_poly.type
_entity_poly.pdbx_seq_one_letter_code
_entity_poly.pdbx_strand_id
1 'polypeptide(L)' ADCGLRPLFEKKSLEDKTERELLESY L
2 'polypeptide(L)'
;IVEGSDAEIGMSPWQVMLFRKSPQELLCGASLISDRWVLTAAHCLLYPPWDKNFTENDLLVRIGKHSRTRYERNIEKISM
LEKIYIHPRYNWRENLDRDIALMKLKKPVAFSDYIHPVCLPDRETAASLLQAGYKGRVTGWGNLKETWTANVGKGQPSVL
QVVNLPIVERPVCKDSTRIRITDNMFCAGYKPDEGKRGDACEGDSGGPFVMKSPFNNRWYQMGIVSWGEGCDRDGKYGFY
THVFRLKKWIQKVIDQFGE
;
H
3 'polypeptide(L)' DFEEIPEE(TYS)LQ I
#
loop_
_chem_comp.id
_chem_comp.type
_chem_comp.name
_chem_comp.formula
81A non-polymer '2-METHANESULFONYL-BENZENESULFONIC ACID 3-METHYL-5-((1-AMIDINOAMINOOXYMETHYL-CYCLOPROPYL)METHYLOXY)-PHENYLESTER' 'C20 H25 N3 O7 S2'
#
# COMPACT_ATOMS: atom_id res chain seq x y z
N ALA A 1 -2.54 0.08 18.92
CA ALA A 1 -3.28 1.01 19.85
C ALA A 1 -2.84 2.45 19.67
N ASP A 2 -1.62 2.63 19.16
CA ASP A 2 -1.13 3.96 18.79
C ASP A 2 -1.27 4.17 17.28
N CYS A 3 -1.84 3.17 16.64
CA CYS A 3 -1.87 3.05 15.20
C CYS A 3 -2.41 4.29 14.51
N GLY A 4 -1.78 4.67 13.41
CA GLY A 4 -2.34 5.72 12.60
C GLY A 4 -2.05 7.11 13.13
N LEU A 5 -1.32 7.20 14.22
CA LEU A 5 -0.85 8.50 14.73
C LEU A 5 0.64 8.71 14.47
N ARG A 6 0.97 9.55 13.50
CA ARG A 6 2.34 9.75 13.03
C ARG A 6 3.24 10.52 14.01
N PRO A 7 4.36 9.91 14.44
CA PRO A 7 5.30 10.62 15.30
C PRO A 7 5.53 12.08 14.92
N LEU A 8 5.72 12.35 13.63
CA LEU A 8 6.18 13.67 13.21
C LEU A 8 5.08 14.60 12.75
N PHE A 9 3.83 14.17 12.90
CA PHE A 9 2.69 15.03 12.53
C PHE A 9 1.63 15.07 13.63
N GLU A 10 0.68 14.13 13.62
CA GLU A 10 -0.39 14.10 14.60
C GLU A 10 0.12 14.18 16.05
N LYS A 11 1.20 13.46 16.32
CA LYS A 11 1.79 13.47 17.65
C LYS A 11 2.34 14.82 18.06
N LYS A 12 2.80 15.61 17.09
CA LYS A 12 3.28 16.96 17.36
C LYS A 12 2.21 18.00 17.05
N SER A 13 1.07 17.55 16.54
CA SER A 13 0.08 18.50 16.00
C SER A 13 0.61 19.26 14.77
N LEU A 14 1.34 18.57 13.90
CA LEU A 14 1.71 19.10 12.58
C LEU A 14 0.92 18.39 11.49
N GLU A 15 0.45 19.18 10.53
CA GLU A 15 -0.25 18.69 9.35
C GLU A 15 0.73 18.54 8.20
N ASP A 16 0.57 17.50 7.37
CA ASP A 16 1.30 17.47 6.13
C ASP A 16 0.65 18.33 5.07
N LYS A 17 1.35 18.50 3.96
CA LYS A 17 1.05 19.50 2.95
C LYS A 17 -0.26 19.27 2.20
N THR A 18 -0.71 18.02 2.12
CA THR A 18 -1.89 17.74 1.35
C THR A 18 -3.04 17.09 2.12
N GLU A 19 -2.91 16.84 3.43
CA GLU A 19 -3.96 16.10 4.13
C GLU A 19 -5.29 16.84 4.20
N ARG A 20 -5.23 18.14 3.99
CA ARG A 20 -6.42 18.95 4.05
C ARG A 20 -7.31 18.64 2.85
N GLU A 21 -6.69 18.27 1.72
CA GLU A 21 -7.42 17.86 0.53
C GLU A 21 -8.29 16.63 0.80
N LEU A 22 -7.76 15.69 1.57
CA LEU A 22 -8.52 14.51 1.97
C LEU A 22 -9.72 14.89 2.80
N LEU A 23 -9.47 15.67 3.85
CA LEU A 23 -10.47 15.94 4.86
C LEU A 23 -11.54 16.86 4.31
N GLU A 24 -11.12 17.73 3.39
CA GLU A 24 -12.07 18.66 2.76
C GLU A 24 -13.01 17.90 1.84
N SER A 25 -12.64 16.67 1.50
CA SER A 25 -13.47 15.86 0.61
C SER A 25 -14.46 15.00 1.37
N TYR A 26 -14.33 14.95 2.68
CA TYR A 26 -15.26 14.14 3.47
C TYR A 26 -16.46 14.98 3.89
N ILE B 1 3.93 5.77 -9.10
CA ILE B 1 2.87 6.79 -8.92
C ILE B 1 3.03 7.79 -10.06
N VAL B 2 1.94 8.03 -10.77
CA VAL B 2 1.92 8.95 -11.89
C VAL B 2 1.19 10.21 -11.46
N GLU B 3 1.87 11.35 -11.60
CA GLU B 3 1.31 12.65 -11.28
C GLU B 3 1.12 12.82 -9.77
N GLY B 4 2.07 12.28 -9.01
CA GLY B 4 2.17 12.56 -7.59
C GLY B 4 3.40 13.40 -7.27
N SER B 5 3.55 13.79 -6.02
CA SER B 5 4.68 14.56 -5.57
C SER B 5 5.51 13.71 -4.63
N ASP B 6 6.66 14.25 -4.26
CA ASP B 6 7.57 13.64 -3.28
C ASP B 6 6.87 13.61 -1.95
N ALA B 7 7.14 12.57 -1.16
CA ALA B 7 6.56 12.46 0.16
C ALA B 7 7.38 13.36 1.06
N GLU B 8 6.77 13.77 2.16
CA GLU B 8 7.52 14.39 3.22
C GLU B 8 8.10 13.31 4.08
N ILE B 9 9.23 13.62 4.66
CA ILE B 9 9.83 12.74 5.65
C ILE B 9 8.78 12.46 6.74
N GLY B 10 8.77 11.20 7.18
CA GLY B 10 7.79 10.73 8.14
C GLY B 10 6.33 10.68 7.70
N MET B 11 6.03 10.88 6.42
CA MET B 11 4.63 11.13 6.04
C MET B 11 3.80 9.84 5.99
N SER B 12 4.43 8.74 5.58
CA SER B 12 3.80 7.44 5.56
C SER B 12 4.64 6.42 6.30
N PRO B 13 4.60 6.41 7.63
CA PRO B 13 5.60 5.63 8.35
C PRO B 13 5.28 4.14 8.37
N TRP B 14 4.19 3.76 7.76
CA TRP B 14 3.82 2.35 7.68
C TRP B 14 4.25 1.79 6.32
N GLN B 15 4.72 2.68 5.46
CA GLN B 15 5.00 2.28 4.08
C GLN B 15 6.21 1.34 4.16
N VAL B 16 6.02 0.12 3.70
CA VAL B 16 7.10 -0.86 3.68
C VAL B 16 7.53 -1.15 2.23
N MET B 17 8.81 -1.42 2.03
CA MET B 17 9.26 -1.83 0.70
C MET B 17 9.59 -3.30 0.63
N LEU B 18 8.96 -3.98 -0.33
CA LEU B 18 9.26 -5.38 -0.61
C LEU B 18 10.46 -5.48 -1.56
N PHE B 19 11.49 -6.19 -1.10
CA PHE B 19 12.78 -6.12 -1.78
C PHE B 19 13.34 -7.50 -2.08
N ARG B 20 13.53 -7.77 -3.37
CA ARG B 20 14.18 -9.00 -3.80
C ARG B 20 15.67 -9.06 -3.39
N LYS B 21 16.11 -10.23 -2.94
CA LYS B 21 17.50 -10.37 -2.50
C LYS B 21 18.42 -10.45 -3.70
N SER B 22 18.11 -11.35 -4.64
CA SER B 22 18.90 -11.43 -5.88
C SER B 22 18.04 -11.87 -7.06
N PRO B 23 18.02 -11.05 -8.13
CA PRO B 23 18.65 -9.72 -8.17
C PRO B 23 18.02 -8.78 -7.14
N GLN B 24 18.86 -7.98 -6.49
CA GLN B 24 18.38 -6.97 -5.53
C GLN B 24 17.49 -6.01 -6.28
N GLU B 25 16.17 -6.07 -6.07
CA GLU B 25 15.27 -5.17 -6.77
C GLU B 25 13.94 -4.96 -6.04
N LEU B 26 13.38 -3.77 -6.19
CA LEU B 26 12.07 -3.46 -5.63
C LEU B 26 11.04 -4.38 -6.25
N LEU B 27 10.37 -5.16 -5.39
CA LEU B 27 9.29 -6.06 -5.81
C LEU B 27 7.94 -5.35 -5.79
N CYS B 28 7.65 -4.70 -4.67
CA CYS B 28 6.32 -4.22 -4.39
C CYS B 28 6.43 -3.27 -3.19
N GLY B 29 5.42 -2.42 -3.03
CA GLY B 29 5.13 -1.81 -1.74
C GLY B 29 4.33 -2.73 -0.81
N ALA B 30 3.94 -2.22 0.35
CA ALA B 30 3.42 -3.06 1.45
C ALA B 30 3.23 -2.11 2.64
N SER B 31 2.63 -2.60 3.72
CA SER B 31 2.35 -1.73 4.86
C SER B 31 2.59 -2.40 6.22
N LEU B 32 2.91 -1.57 7.22
CA LEU B 32 3.23 -2.06 8.55
C LEU B 32 1.97 -1.90 9.38
N ILE B 33 1.38 -3.03 9.76
CA ILE B 33 0.15 -3.00 10.51
C ILE B 33 0.32 -3.38 11.98
N SER B 34 1.40 -4.08 12.32
CA SER B 34 1.91 -4.13 13.69
C SER B 34 3.44 -4.16 13.71
N ASP B 35 4.04 -4.54 14.84
CA ASP B 35 5.49 -4.63 14.89
C ASP B 35 6.00 -5.93 14.26
N ARG B 36 5.07 -6.82 13.94
CA ARG B 36 5.43 -8.11 13.37
C ARG B 36 4.72 -8.46 12.07
N TRP B 37 3.77 -7.64 11.64
CA TRP B 37 3.00 -8.00 10.46
C TRP B 37 3.05 -6.96 9.37
N VAL B 38 3.15 -7.46 8.14
CA VAL B 38 3.14 -6.60 6.97
C VAL B 38 2.04 -7.10 6.06
N LEU B 39 1.30 -6.17 5.48
CA LEU B 39 0.17 -6.50 4.63
C LEU B 39 0.47 -6.10 3.20
N THR B 40 0.25 -7.00 2.24
CA THR B 40 0.56 -6.68 0.87
C THR B 40 -0.43 -7.35 -0.08
N ALA B 41 -0.23 -7.10 -1.37
CA ALA B 41 -1.04 -7.73 -2.40
C ALA B 41 -0.50 -9.11 -2.72
N ALA B 42 -1.39 -10.10 -2.76
CA ALA B 42 -0.97 -11.49 -2.99
C ALA B 42 -0.30 -11.70 -4.35
N HIS B 43 -0.69 -10.92 -5.36
CA HIS B 43 -0.07 -11.07 -6.67
C HIS B 43 1.39 -10.59 -6.72
N CYS B 44 1.85 -9.96 -5.64
CA CYS B 44 3.25 -9.59 -5.51
C CYS B 44 4.10 -10.84 -5.28
N LEU B 45 3.47 -11.85 -4.67
CA LEU B 45 4.21 -13.01 -4.19
C LEU B 45 3.99 -14.18 -5.11
N LEU B 46 2.77 -14.27 -5.60
CA LEU B 46 2.33 -15.44 -6.32
C LEU B 46 1.43 -14.98 -7.44
N TYR B 47 1.94 -15.16 -8.66
CA TYR B 47 1.21 -14.86 -9.87
C TYR B 47 1.65 -15.75 -11.02
N PRO B 48 1.09 -16.97 -11.10
CA PRO B 48 1.47 -18.03 -12.05
C PRO B 48 1.55 -17.66 -13.53
N PRO B 49 0.65 -16.80 -14.01
CA PRO B 49 0.72 -16.39 -15.42
C PRO B 49 2.06 -15.78 -15.77
N TRP B 50 2.78 -15.29 -14.76
CA TRP B 50 4.11 -14.75 -15.01
C TRP B 50 5.23 -15.53 -14.37
N ASP B 51 4.95 -16.76 -13.95
CA ASP B 51 5.95 -17.57 -13.25
C ASP B 51 6.54 -16.79 -12.07
N LYS B 52 5.66 -16.09 -11.36
CA LYS B 52 6.03 -15.44 -10.13
C LYS B 52 5.52 -16.25 -8.94
N ASN B 53 6.43 -16.73 -8.10
CA ASN B 53 6.09 -17.47 -6.87
C ASN B 53 7.23 -17.36 -5.85
N PHE B 54 7.26 -16.25 -5.13
CA PHE B 54 8.31 -15.99 -4.15
C PHE B 54 8.01 -16.68 -2.85
N THR B 55 9.06 -17.03 -2.12
CA THR B 55 8.92 -17.53 -0.75
C THR B 55 9.68 -16.66 0.24
N GLU B 56 9.57 -17.03 1.52
CA GLU B 56 10.10 -16.27 2.62
C GLU B 56 11.55 -15.87 2.42
N ASN B 57 12.33 -16.79 1.86
CA ASN B 57 13.74 -16.52 1.74
C ASN B 57 14.13 -15.78 0.48
N ASP B 58 13.14 -15.53 -0.37
CA ASP B 58 13.36 -14.78 -1.60
C ASP B 58 13.34 -13.28 -1.33
N LEU B 59 12.97 -12.93 -0.11
CA LEU B 59 12.45 -11.62 0.18
C LEU B 59 13.06 -10.96 1.42
N LEU B 60 13.19 -9.64 1.33
CA LEU B 60 13.53 -8.79 2.43
C LEU B 60 12.47 -7.67 2.48
N VAL B 61 12.03 -7.31 3.68
CA VAL B 61 11.19 -6.12 3.84
C VAL B 61 12.00 -4.95 4.43
N ARG B 62 12.05 -3.83 3.73
CA ARG B 62 12.73 -2.65 4.25
C ARG B 62 11.77 -1.53 4.70
N ILE B 63 11.89 -1.14 5.97
CA ILE B 63 10.95 -0.24 6.62
C ILE B 63 11.65 1.03 7.08
N GLY B 64 10.97 2.16 7.00
CA GLY B 64 11.59 3.41 7.37
C GLY B 64 12.07 4.23 6.19
N LYS B 65 11.99 3.69 4.99
CA LYS B 65 12.66 4.28 3.83
C LYS B 65 11.96 5.51 3.29
N HIS B 66 12.75 6.32 2.61
CA HIS B 66 12.28 7.48 1.91
C HIS B 66 12.88 7.41 0.50
N SER B 67 14.21 7.43 0.43
CA SER B 67 14.94 7.12 -0.80
C SER B 67 14.63 5.70 -1.29
N ARG B 68 14.44 5.59 -2.60
CA ARG B 68 14.18 4.32 -3.24
C ARG B 68 15.42 3.43 -3.25
N THR B 69 16.55 3.99 -3.69
CA THR B 69 17.75 3.18 -3.95
C THR B 69 18.85 3.18 -2.86
N ARG B 70 18.99 4.30 -2.15
CA ARG B 70 19.96 4.38 -1.07
C ARG B 70 19.65 3.40 0.04
N TYR B 71 20.68 2.91 0.71
CA TYR B 71 20.46 2.23 1.99
C TYR B 71 20.52 3.26 3.12
N GLU B 72 19.37 3.62 3.67
CA GLU B 72 19.33 4.72 4.61
C GLU B 72 19.78 4.38 6.03
N ARG B 73 21.07 4.59 6.28
CA ARG B 73 21.78 4.14 7.49
C ARG B 73 21.31 4.88 8.73
N ASN B 74 20.98 4.09 9.75
CA ASN B 74 20.37 4.58 10.98
C ASN B 74 18.91 4.94 10.87
N ILE B 75 18.34 4.93 9.65
CA ILE B 75 16.91 5.25 9.47
C ILE B 75 16.03 4.04 9.12
N GLU B 76 16.40 3.30 8.08
CA GLU B 76 15.62 2.13 7.71
C GLU B 76 16.00 0.88 8.51
N LYS B 77 15.05 -0.03 8.66
CA LYS B 77 15.31 -1.38 9.13
C LYS B 77 14.92 -2.44 8.08
N ILE B 78 15.79 -3.42 7.90
CA ILE B 78 15.59 -4.48 6.94
C ILE B 78 15.33 -5.77 7.71
N SER B 79 14.22 -6.44 7.42
CA SER B 79 13.90 -7.67 8.13
C SER B 79 13.61 -8.80 7.18
N MET B 80 13.72 -10.00 7.70
CA MET B 80 13.41 -11.20 6.93
C MET B 80 12.07 -11.70 7.38
N LEU B 81 11.38 -12.35 6.45
CA LEU B 81 10.08 -12.95 6.72
C LEU B 81 10.24 -14.28 7.40
N GLU B 82 9.34 -14.56 8.33
CA GLU B 82 9.24 -15.86 8.99
C GLU B 82 8.22 -16.73 8.25
N LYS B 83 7.22 -16.08 7.68
CA LYS B 83 6.10 -16.79 7.09
C LYS B 83 5.29 -15.88 6.19
N ILE B 84 4.63 -16.47 5.21
CA ILE B 84 3.86 -15.71 4.25
C ILE B 84 2.49 -16.38 4.14
N TYR B 85 1.44 -15.61 4.34
CA TYR B 85 0.07 -16.12 4.21
C TYR B 85 -0.66 -15.45 3.07
N ILE B 86 -0.99 -16.24 2.05
CA ILE B 86 -1.85 -15.81 0.97
C ILE B 86 -3.29 -16.27 1.22
N HIS B 87 -4.24 -15.38 1.02
CA HIS B 87 -5.65 -15.77 1.09
C HIS B 87 -5.89 -17.06 0.32
N PRO B 88 -6.50 -18.06 0.98
CA PRO B 88 -6.83 -19.36 0.36
C PRO B 88 -7.67 -19.22 -0.91
N ARG B 89 -8.49 -18.17 -1.01
CA ARG B 89 -9.29 -17.96 -2.23
C ARG B 89 -8.93 -16.75 -3.07
N TYR B 90 -7.69 -16.25 -2.94
CA TYR B 90 -7.16 -15.29 -3.92
C TYR B 90 -7.37 -15.85 -5.34
N ASN B 91 -7.85 -15.03 -6.26
CA ASN B 91 -8.23 -15.53 -7.60
C ASN B 91 -7.37 -14.97 -8.71
N TRP B 92 -6.26 -15.64 -9.01
CA TRP B 92 -5.27 -15.06 -9.93
C TRP B 92 -5.59 -15.49 -11.33
N ARG B 93 -6.29 -16.63 -11.43
CA ARG B 93 -6.76 -17.14 -12.71
C ARG B 93 -7.66 -16.19 -13.46
N GLU B 94 -8.50 -15.43 -12.76
CA GLU B 94 -9.45 -14.56 -13.45
C GLU B 94 -9.33 -13.07 -13.17
N ASN B 95 -9.62 -12.61 -11.95
CA ASN B 95 -9.75 -11.17 -11.73
C ASN B 95 -8.96 -10.60 -10.54
N LEU B 96 -8.04 -11.39 -9.98
CA LEU B 96 -7.23 -10.96 -8.82
C LEU B 96 -8.15 -10.64 -7.63
N ASP B 97 -9.26 -11.35 -7.58
CA ASP B 97 -10.21 -11.20 -6.48
C ASP B 97 -9.61 -11.79 -5.19
N ARG B 98 -9.79 -11.07 -4.09
CA ARG B 98 -9.09 -11.33 -2.81
C ARG B 98 -7.58 -11.25 -2.88
N ASP B 99 -7.12 -10.22 -3.58
CA ASP B 99 -5.69 -9.90 -3.73
C ASP B 99 -5.07 -9.40 -2.41
N ILE B 100 -4.76 -10.31 -1.50
CA ILE B 100 -4.31 -9.92 -0.16
C ILE B 100 -3.40 -11.00 0.42
N ALA B 101 -2.34 -10.60 1.11
CA ALA B 101 -1.46 -11.54 1.81
C ALA B 101 -0.86 -10.89 3.06
N LEU B 102 -0.57 -11.70 4.07
CA LEU B 102 0.03 -11.21 5.30
C LEU B 102 1.39 -11.82 5.36
N MET B 103 2.38 -11.07 5.83
CA MET B 103 3.75 -11.58 6.00
C MET B 103 4.22 -11.44 7.44
N LYS B 104 4.63 -12.54 8.06
CA LYS B 104 5.12 -12.48 9.44
C LYS B 104 6.62 -12.20 9.51
N LEU B 105 7.01 -11.12 10.17
CA LEU B 105 8.43 -10.77 10.32
C LEU B 105 9.10 -11.74 11.28
N LYS B 106 10.36 -12.05 11.03
CA LYS B 106 11.06 -13.02 11.84
C LYS B 106 11.32 -12.48 13.24
N LYS B 107 11.49 -11.18 13.35
CA LYS B 107 11.60 -10.50 14.65
C LYS B 107 10.85 -9.19 14.58
N PRO B 108 10.30 -8.73 15.72
CA PRO B 108 9.50 -7.50 15.66
C PRO B 108 10.39 -6.30 15.43
N VAL B 109 9.87 -5.38 14.64
CA VAL B 109 10.53 -4.12 14.38
C VAL B 109 10.21 -3.14 15.52
N ALA B 110 11.15 -2.26 15.81
CA ALA B 110 10.92 -1.20 16.78
C ALA B 110 10.44 0.04 16.05
N PHE B 111 9.54 0.76 16.69
CA PHE B 111 8.96 1.96 16.09
C PHE B 111 9.84 3.16 16.40
N SER B 112 9.79 4.16 15.52
CA SER B 112 10.52 5.41 15.69
C SER B 112 9.69 6.49 14.99
N ASP B 113 10.29 7.66 14.76
CA ASP B 113 9.67 8.70 13.92
C ASP B 113 9.24 8.25 12.52
N TYR B 114 10.00 7.30 11.97
CA TYR B 114 9.95 6.96 10.53
C TYR B 114 9.23 5.62 10.32
N ILE B 115 8.97 4.95 11.43
CA ILE B 115 8.41 3.62 11.43
C ILE B 115 7.27 3.55 12.45
N HIS B 116 6.03 3.40 11.93
CA HIS B 116 4.84 3.36 12.78
C HIS B 116 3.71 2.66 12.00
N PRO B 117 3.04 1.68 12.62
CA PRO B 117 1.96 0.98 11.91
C PRO B 117 0.76 1.89 11.58
N VAL B 118 0.06 1.56 10.50
CA VAL B 118 -1.24 2.14 10.22
C VAL B 118 -2.32 1.39 10.98
N CYS B 119 -3.55 1.93 11.01
CA CYS B 119 -4.68 1.20 11.53
C CYS B 119 -5.38 0.43 10.45
N LEU B 120 -6.00 -0.67 10.86
CA LEU B 120 -6.96 -1.40 10.05
C LEU B 120 -8.35 -0.97 10.44
N PRO B 121 -9.27 -0.94 9.46
CA PRO B 121 -10.58 -0.32 9.66
C PRO B 121 -11.58 -1.26 10.36
N ASP B 122 -12.45 -0.66 11.18
CA ASP B 122 -13.63 -1.31 11.73
C ASP B 122 -14.83 -0.97 10.85
N ARG B 123 -15.90 -1.73 11.02
CA ARG B 123 -17.10 -1.63 10.18
C ARG B 123 -17.58 -0.21 9.93
N GLU B 124 -17.59 0.59 10.99
CA GLU B 124 -18.25 1.87 10.93
C GLU B 124 -17.32 3.00 10.45
N THR B 125 -16.01 2.81 10.60
CA THR B 125 -15.07 3.65 9.86
C THR B 125 -15.23 3.36 8.36
N ALA B 126 -15.16 2.07 8.02
CA ALA B 126 -15.38 1.64 6.64
C ALA B 126 -16.64 2.25 6.06
N ALA B 127 -17.77 2.10 6.74
CA ALA B 127 -19.04 2.66 6.26
C ALA B 127 -19.00 4.18 6.07
N SER B 128 -18.46 4.86 7.07
CA SER B 128 -18.41 6.30 7.04
C SER B 128 -17.60 6.84 5.87
N LEU B 129 -16.53 6.14 5.53
CA LEU B 129 -15.46 6.77 4.75
C LEU B 129 -15.40 6.29 3.32
N LEU B 130 -15.65 5.00 3.15
CA LEU B 130 -15.65 4.40 1.83
C LEU B 130 -16.84 4.90 1.02
N GLN B 131 -16.75 6.14 0.56
CA GLN B 131 -17.77 6.76 -0.28
C GLN B 131 -17.22 7.45 -1.54
N ALA B 132 -18.02 7.53 -2.59
CA ALA B 132 -17.54 8.09 -3.88
C ALA B 132 -17.36 9.60 -3.70
N GLY B 133 -16.22 10.11 -4.12
CA GLY B 133 -15.86 11.48 -3.79
C GLY B 133 -14.80 11.63 -2.73
N TYR B 134 -14.83 10.76 -1.71
CA TYR B 134 -13.85 10.78 -0.63
C TYR B 134 -12.49 10.43 -1.18
N LYS B 135 -11.48 11.23 -0.84
CA LYS B 135 -10.14 10.99 -1.38
C LYS B 135 -9.33 10.19 -0.39
N GLY B 136 -8.56 9.25 -0.92
CA GLY B 136 -7.61 8.52 -0.11
C GLY B 136 -6.23 8.80 -0.72
N ARG B 137 -5.20 8.22 -0.13
CA ARG B 137 -3.82 8.58 -0.46
C ARG B 137 -3.11 7.29 -0.84
N VAL B 138 -2.50 7.25 -2.03
CA VAL B 138 -1.67 6.11 -2.39
C VAL B 138 -0.20 6.54 -2.42
N THR B 139 0.68 5.69 -1.90
CA THR B 139 2.12 5.99 -1.91
C THR B 139 2.97 4.83 -2.47
N GLY B 140 4.11 5.16 -3.07
CA GLY B 140 4.96 4.10 -3.58
C GLY B 140 6.21 4.60 -4.28
N TRP B 141 7.05 3.64 -4.69
CA TRP B 141 8.30 3.92 -5.37
C TRP B 141 8.27 3.38 -6.81
N GLY B 142 7.07 3.13 -7.33
CA GLY B 142 6.93 2.58 -8.65
C GLY B 142 7.14 3.64 -9.70
N ASN B 143 6.92 3.26 -10.96
CA ASN B 143 7.21 4.14 -12.07
C ASN B 143 6.34 5.35 -12.07
N LEU B 144 6.85 6.38 -12.75
CA LEU B 144 6.21 7.69 -12.82
C LEU B 144 5.37 7.82 -14.08
N LYS B 145 5.54 6.85 -14.97
CA LYS B 145 5.00 6.91 -16.31
C LYS B 145 4.76 5.47 -16.67
N GLU B 146 3.69 5.24 -17.40
CA GLU B 146 3.36 3.91 -17.91
C GLU B 146 4.43 3.33 -18.84
N GLY B 155 12.07 7.96 -15.06
CA GLY B 155 11.17 6.81 -15.10
C GLY B 155 10.75 6.35 -13.72
N GLN B 156 11.73 6.28 -12.83
CA GLN B 156 11.51 5.94 -11.42
C GLN B 156 12.00 7.04 -10.48
N PRO B 157 11.29 7.26 -9.37
CA PRO B 157 11.54 8.40 -8.50
C PRO B 157 12.78 8.15 -7.67
N SER B 158 13.39 9.20 -7.12
CA SER B 158 14.47 8.98 -6.17
C SER B 158 13.87 8.73 -4.79
N VAL B 159 12.68 9.28 -4.59
CA VAL B 159 12.12 9.44 -3.27
C VAL B 159 10.65 9.01 -3.24
N LEU B 160 10.18 8.50 -2.09
CA LEU B 160 8.78 8.06 -1.99
C LEU B 160 7.81 9.08 -2.61
N GLN B 161 6.88 8.59 -3.41
CA GLN B 161 5.88 9.46 -4.01
C GLN B 161 4.51 9.26 -3.34
N VAL B 162 3.67 10.28 -3.40
CA VAL B 162 2.34 10.24 -2.81
C VAL B 162 1.38 10.86 -3.81
N VAL B 163 0.12 10.41 -3.82
CA VAL B 163 -0.94 11.02 -4.62
C VAL B 163 -2.31 10.80 -3.93
N ASN B 164 -3.28 11.69 -4.16
CA ASN B 164 -4.59 11.64 -3.48
C ASN B 164 -5.67 11.50 -4.54
N LEU B 165 -6.57 10.53 -4.39
CA LEU B 165 -7.44 10.05 -5.50
C LEU B 165 -8.83 9.86 -4.97
N PRO B 166 -9.86 10.22 -5.75
CA PRO B 166 -11.20 10.05 -5.16
C PRO B 166 -11.72 8.65 -5.44
N ILE B 167 -12.49 8.12 -4.50
CA ILE B 167 -13.19 6.86 -4.70
C ILE B 167 -14.18 7.07 -5.85
N VAL B 168 -14.33 6.06 -6.71
CA VAL B 168 -15.21 6.19 -7.87
C VAL B 168 -16.41 5.23 -7.70
N GLU B 169 -17.59 5.70 -8.11
CA GLU B 169 -18.85 4.92 -8.06
C GLU B 169 -18.68 3.53 -8.68
N ARG B 170 -19.34 2.57 -8.05
CA ARG B 170 -19.27 1.17 -8.44
C ARG B 170 -19.62 0.90 -9.91
N PRO B 171 -20.70 1.50 -10.43
CA PRO B 171 -21.11 1.35 -11.84
C PRO B 171 -20.07 1.91 -12.82
N VAL B 172 -19.52 3.08 -12.52
CA VAL B 172 -18.43 3.69 -13.28
C VAL B 172 -17.17 2.83 -13.32
N CYS B 173 -16.92 2.10 -12.24
CA CYS B 173 -15.77 1.21 -12.20
C CYS B 173 -16.06 0.01 -13.11
N LYS B 174 -17.30 -0.47 -13.08
CA LYS B 174 -17.66 -1.60 -13.95
C LYS B 174 -17.70 -1.28 -15.47
N ASP B 175 -18.06 -0.06 -15.84
CA ASP B 175 -18.16 0.26 -17.28
C ASP B 175 -16.81 0.73 -17.85
N SER B 176 -15.79 0.76 -16.98
CA SER B 176 -14.47 1.14 -17.39
C SER B 176 -13.66 -0.09 -17.80
N THR B 177 -14.19 -1.29 -17.60
CA THR B 177 -13.35 -2.46 -17.89
C THR B 177 -14.14 -3.70 -18.32
N ARG B 178 -13.44 -4.60 -19.01
CA ARG B 178 -14.01 -5.89 -19.36
C ARG B 178 -13.91 -6.86 -18.19
N ILE B 179 -12.97 -6.62 -17.30
CA ILE B 179 -12.70 -7.57 -16.21
C ILE B 179 -13.85 -7.52 -15.18
N ARG B 180 -14.21 -8.67 -14.64
CA ARG B 180 -15.35 -8.81 -13.73
C ARG B 180 -14.98 -8.32 -12.34
N ILE B 181 -15.67 -7.27 -11.91
CA ILE B 181 -15.43 -6.62 -10.63
C ILE B 181 -16.24 -7.32 -9.52
N THR B 182 -15.68 -7.43 -8.33
CA THR B 182 -16.35 -8.09 -7.22
C THR B 182 -16.50 -7.18 -5.99
N ASP B 183 -17.18 -7.67 -4.96
CA ASP B 183 -17.40 -6.84 -3.78
C ASP B 183 -16.10 -6.69 -2.97
N ASN B 184 -15.05 -7.41 -3.35
CA ASN B 184 -13.79 -7.32 -2.63
C ASN B 184 -12.81 -6.27 -3.18
N MET B 185 -13.23 -5.48 -4.16
CA MET B 185 -12.43 -4.39 -4.70
C MET B 185 -13.20 -3.09 -4.69
N PHE B 186 -12.50 -1.97 -4.82
CA PHE B 186 -13.12 -0.70 -5.21
C PHE B 186 -12.12 0.01 -6.09
N CYS B 187 -12.59 1.00 -6.85
CA CYS B 187 -11.71 1.71 -7.77
C CYS B 187 -11.64 3.20 -7.47
N ALA B 188 -10.45 3.79 -7.66
CA ALA B 188 -10.21 5.18 -7.30
C ALA B 188 -9.52 5.92 -8.45
N GLY B 189 -9.74 7.22 -8.54
CA GLY B 189 -9.26 7.93 -9.70
C GLY B 189 -10.14 9.07 -10.16
N TYR B 190 -9.54 9.99 -10.91
CA TYR B 190 -10.28 11.08 -11.51
C TYR B 190 -10.92 10.72 -12.87
N LYS B 191 -12.16 11.14 -13.07
CA LYS B 191 -12.81 11.03 -14.37
C LYS B 191 -12.03 11.92 -15.36
N PRO B 192 -12.04 11.56 -16.65
CA PRO B 192 -11.34 12.34 -17.67
C PRO B 192 -11.66 13.83 -17.67
N ASP B 193 -12.89 14.17 -17.29
CA ASP B 193 -13.34 15.56 -17.32
C ASP B 193 -12.89 16.41 -16.13
N GLU B 194 -12.61 15.75 -14.99
CA GLU B 194 -12.33 16.44 -13.74
C GLU B 194 -11.04 17.24 -13.78
N GLY B 195 -10.25 16.98 -14.83
CA GLY B 195 -9.06 17.74 -15.07
C GLY B 195 -8.03 17.67 -13.96
N LYS B 196 -8.04 16.60 -13.17
CA LYS B 196 -6.89 16.23 -12.36
C LYS B 196 -6.55 14.78 -12.71
N ARG B 197 -5.30 14.38 -12.54
CA ARG B 197 -4.84 13.03 -12.89
C ARG B 197 -4.24 12.31 -11.68
N GLY B 198 -3.69 11.12 -11.91
CA GLY B 198 -2.94 10.41 -10.89
C GLY B 198 -3.29 8.94 -10.89
N ASP B 199 -2.31 8.10 -10.57
CA ASP B 199 -2.56 6.66 -10.53
C ASP B 199 -1.34 5.96 -10.01
N ALA B 200 -1.54 4.75 -9.53
CA ALA B 200 -0.43 3.86 -9.23
C ALA B 200 0.15 3.38 -10.57
N CYS B 201 1.35 2.86 -10.51
CA CYS B 201 1.97 2.32 -11.69
C CYS B 201 2.99 1.29 -11.23
N GLU B 202 3.56 0.56 -12.19
CA GLU B 202 4.35 -0.61 -11.91
C GLU B 202 5.29 -0.39 -10.73
N GLY B 203 5.29 -1.32 -9.80
CA GLY B 203 6.12 -1.23 -8.61
C GLY B 203 5.39 -0.71 -7.39
N ASP B 204 4.16 -0.25 -7.56
CA ASP B 204 3.37 0.35 -6.49
C ASP B 204 2.41 -0.65 -5.83
N SER B 205 2.12 -1.73 -6.56
CA SER B 205 1.33 -2.87 -6.07
C SER B 205 1.68 -3.18 -4.62
N GLY B 206 0.68 -3.59 -3.84
CA GLY B 206 0.95 -4.06 -2.49
C GLY B 206 0.89 -2.87 -1.53
N GLY B 207 0.91 -1.70 -2.11
CA GLY B 207 0.98 -0.47 -1.34
C GLY B 207 -0.32 -0.12 -0.66
N PRO B 208 -0.25 0.69 0.41
CA PRO B 208 -1.39 1.19 1.15
C PRO B 208 -2.22 2.26 0.41
N PHE B 209 -3.52 2.02 0.29
CA PHE B 209 -4.46 3.15 0.13
C PHE B 209 -5.00 3.52 1.54
N VAL B 210 -4.81 4.77 1.99
CA VAL B 210 -5.20 5.15 3.36
C VAL B 210 -6.10 6.37 3.37
N MET B 211 -6.80 6.56 4.48
CA MET B 211 -7.75 7.65 4.64
C MET B 211 -7.59 8.11 6.10
N LYS B 212 -7.70 9.41 6.33
CA LYS B 212 -7.63 9.92 7.71
C LYS B 212 -9.04 10.06 8.22
N SER B 213 -9.34 9.40 9.32
CA SER B 213 -10.63 9.60 9.94
C SER B 213 -10.75 11.01 10.48
N PRO B 214 -11.84 11.70 10.11
CA PRO B 214 -12.15 13.00 10.71
C PRO B 214 -12.65 12.92 12.15
N PHE B 215 -12.96 11.71 12.60
CA PHE B 215 -13.58 11.53 13.91
C PHE B 215 -12.51 11.44 15.01
N ASN B 216 -11.39 10.80 14.69
CA ASN B 216 -10.35 10.54 15.69
C ASN B 216 -8.96 10.91 15.17
N ASN B 217 -8.93 11.35 13.91
CA ASN B 217 -7.71 11.80 13.24
C ASN B 217 -6.64 10.73 13.11
N ARG B 218 -7.03 9.46 13.07
CA ARG B 218 -6.04 8.42 12.77
C ARG B 218 -6.07 8.03 11.30
N TRP B 219 -4.97 7.46 10.84
CA TRP B 219 -4.89 7.01 9.46
C TRP B 219 -5.21 5.54 9.45
N TYR B 220 -6.17 5.21 8.59
CA TYR B 220 -6.66 3.84 8.40
C TYR B 220 -6.28 3.39 7.00
N GLN B 221 -6.00 2.10 6.83
CA GLN B 221 -5.73 1.58 5.48
C GLN B 221 -6.96 0.84 4.91
N MET B 222 -7.65 1.47 3.97
CA MET B 222 -8.89 0.94 3.40
C MET B 222 -8.67 0.08 2.15
N GLY B 223 -7.51 0.25 1.50
CA GLY B 223 -7.22 -0.42 0.24
C GLY B 223 -5.80 -0.93 0.13
N ILE B 224 -5.63 -2.02 -0.62
CA ILE B 224 -4.32 -2.44 -1.14
C ILE B 224 -4.28 -2.22 -2.65
N VAL B 225 -3.27 -1.49 -3.12
CA VAL B 225 -3.01 -1.29 -4.56
C VAL B 225 -2.95 -2.64 -5.24
N SER B 226 -3.91 -2.87 -6.13
CA SER B 226 -4.12 -4.18 -6.68
C SER B 226 -3.88 -4.27 -8.17
N TRP B 227 -4.80 -3.75 -8.97
CA TRP B 227 -4.68 -3.83 -10.43
C TRP B 227 -5.30 -2.68 -11.19
N GLY B 228 -4.90 -2.56 -12.46
CA GLY B 228 -5.36 -1.48 -13.32
C GLY B 228 -4.71 -1.63 -14.68
N GLU B 229 -5.36 -1.07 -15.70
CA GLU B 229 -4.88 -1.23 -17.07
C GLU B 229 -4.20 0.03 -17.58
N GLY B 230 -2.93 -0.12 -17.91
CA GLY B 230 -2.09 1.06 -18.12
C GLY B 230 -1.80 1.77 -16.80
N CYS B 231 -1.37 3.01 -16.89
CA CYS B 231 -1.20 3.84 -15.71
C CYS B 231 -1.68 5.22 -16.07
N ASP B 232 -2.66 5.71 -15.33
CA ASP B 232 -3.16 7.07 -15.52
C ASP B 232 -3.74 7.24 -16.96
N ARG B 233 -4.35 6.18 -17.47
CA ARG B 233 -5.07 6.29 -18.74
C ARG B 233 -6.41 6.95 -18.47
N ASP B 234 -6.83 7.86 -19.35
CA ASP B 234 -8.16 8.46 -19.20
C ASP B 234 -9.24 7.43 -19.37
N GLY B 235 -10.27 7.53 -18.53
CA GLY B 235 -11.38 6.59 -18.59
C GLY B 235 -11.10 5.23 -17.97
N LYS B 236 -9.86 5.03 -17.51
CA LYS B 236 -9.52 3.83 -16.74
C LYS B 236 -9.36 4.22 -15.28
N TYR B 237 -9.41 3.23 -14.39
CA TYR B 237 -9.28 3.47 -12.95
C TYR B 237 -8.34 2.47 -12.29
N GLY B 238 -7.75 2.86 -11.15
CA GLY B 238 -7.07 1.87 -10.35
C GLY B 238 -8.05 1.06 -9.52
N PHE B 239 -7.67 -0.18 -9.18
CA PHE B 239 -8.49 -1.07 -8.37
C PHE B 239 -7.71 -1.53 -7.15
N TYR B 240 -8.41 -1.59 -6.03
CA TYR B 240 -7.76 -1.78 -4.75
C TYR B 240 -8.49 -2.88 -4.01
N THR B 241 -7.74 -3.84 -3.45
CA THR B 241 -8.31 -4.78 -2.50
C THR B 241 -9.02 -4.05 -1.34
N HIS B 242 -10.22 -4.52 -1.00
CA HIS B 242 -11.09 -3.82 -0.06
C HIS B 242 -10.81 -4.42 1.31
N VAL B 243 -10.03 -3.71 2.13
CA VAL B 243 -9.35 -4.37 3.27
C VAL B 243 -10.36 -4.80 4.31
N PHE B 244 -11.41 -4.00 4.53
CA PHE B 244 -12.41 -4.35 5.56
C PHE B 244 -13.14 -5.65 5.24
N ARG B 245 -13.52 -5.84 3.98
CA ARG B 245 -14.24 -7.05 3.56
C ARG B 245 -13.43 -8.28 3.87
N LEU B 246 -12.13 -8.12 4.07
CA LEU B 246 -11.25 -9.27 4.23
C LEU B 246 -10.51 -9.25 5.58
N LYS B 247 -11.01 -8.41 6.49
CA LYS B 247 -10.41 -8.29 7.80
C LYS B 247 -10.66 -9.54 8.61
N LYS B 248 -11.81 -10.16 8.40
CA LYS B 248 -12.10 -11.42 9.08
C LYS B 248 -11.01 -12.46 8.86
N TRP B 249 -10.51 -12.55 7.63
CA TRP B 249 -9.42 -13.46 7.34
C TRP B 249 -8.13 -12.96 8.00
N ILE B 250 -7.97 -11.64 8.10
CA ILE B 250 -6.77 -11.02 8.67
C ILE B 250 -6.69 -11.33 10.16
N GLN B 251 -7.78 -11.05 10.88
CA GLN B 251 -7.89 -11.30 12.31
C GLN B 251 -7.56 -12.75 12.57
N LYS B 252 -8.23 -13.63 11.83
CA LYS B 252 -7.97 -15.07 11.91
C LYS B 252 -6.48 -15.41 11.87
N VAL B 253 -5.86 -15.12 10.73
CA VAL B 253 -4.43 -15.34 10.54
C VAL B 253 -3.59 -14.84 11.70
N ILE B 254 -3.83 -13.60 12.11
CA ILE B 254 -3.01 -12.98 13.13
C ILE B 254 -3.19 -13.63 14.49
N ASP B 255 -4.41 -13.97 14.84
CA ASP B 255 -4.62 -14.58 16.14
C ASP B 255 -4.77 -16.10 16.07
N GLN B 256 -4.28 -16.69 14.99
CA GLN B 256 -4.08 -18.12 14.95
C GLN B 256 -2.59 -18.41 15.01
N PHE B 257 -1.81 -17.60 14.30
CA PHE B 257 -0.35 -17.75 14.30
C PHE B 257 0.36 -16.60 15.03
N ASP C 1 21.68 0.31 -9.78
CA ASP C 1 20.76 1.37 -9.26
C ASP C 1 20.68 1.25 -7.73
N PHE C 2 20.33 0.06 -7.25
CA PHE C 2 20.14 -0.12 -5.83
C PHE C 2 21.48 -0.12 -5.11
N GLU C 3 21.56 0.65 -4.03
CA GLU C 3 22.73 0.65 -3.16
C GLU C 3 22.79 -0.68 -2.41
N GLU C 4 23.98 -1.25 -2.35
CA GLU C 4 24.19 -2.53 -1.68
C GLU C 4 23.88 -2.42 -0.20
N ILE C 5 23.12 -3.39 0.29
CA ILE C 5 22.77 -3.41 1.69
C ILE C 5 23.76 -4.23 2.49
N PRO C 6 23.79 -4.06 3.82
CA PRO C 6 24.66 -4.88 4.67
C PRO C 6 24.40 -6.36 4.49
N GLU C 7 25.48 -7.13 4.34
CA GLU C 7 25.38 -8.55 4.01
C GLU C 7 24.84 -9.35 5.20
N GLU C 8 24.82 -8.74 6.36
CA GLU C 8 24.15 -9.34 7.50
C GLU C 8 22.71 -9.69 7.12
N TYS C 9 22.14 -8.87 6.23
CA TYS C 9 20.76 -9.04 5.83
CB TYS C 9 20.21 -7.72 5.36
CG TYS C 9 20.22 -6.71 6.44
CD1 TYS C 9 19.65 -7.00 7.68
CD2 TYS C 9 20.89 -5.50 6.29
CE1 TYS C 9 19.76 -6.12 8.74
CE2 TYS C 9 21.01 -4.62 7.34
CZ TYS C 9 20.42 -4.93 8.56
OH TYS C 9 20.50 -4.03 9.60
S TYS C 9 19.48 -2.87 9.60
O1 TYS C 9 19.50 -2.16 8.20
O2 TYS C 9 18.04 -3.44 9.93
O3 TYS C 9 19.92 -1.74 10.77
C TYS C 9 20.54 -10.08 4.75
O TYS C 9 19.44 -10.63 4.62
H2 TYS C 9 22.65 -8.15 5.84
HO3 TYS C 9 19.29 -1.01 10.81
N LEU C 10 21.54 -10.19 3.87
CA LEU C 10 21.46 -11.08 2.72
C LEU C 10 21.88 -12.50 3.11
N GLN C 11 22.11 -12.70 4.40
CA GLN C 11 22.36 -14.03 4.95
C GLN C 11 21.03 -14.76 5.08
S 81A D . -4.38 -9.22 -17.47
O4 81A D . -4.32 -10.59 -17.85
O5 81A D . -3.12 -8.57 -17.36
C16 81A D . -5.41 -8.36 -18.64
C26 81A D . -5.55 -7.99 -15.25
C25 81A D . -6.34 -8.04 -14.10
C24 81A D . -7.01 -9.20 -13.74
C23 81A D . -6.86 -10.35 -14.54
C28 81A D . -6.07 -10.33 -15.69
C27 81A D . -5.42 -9.17 -16.04
C2 81A D . -1.46 -7.23 -12.29
C2A 81A D . -1.06 -8.38 -11.44
C6 81A D . -2.47 -6.41 -14.34
C1 81A D . -2.07 -7.48 -13.52
C3 81A D . -1.24 -5.90 -11.87
C5 81A D . -2.26 -5.08 -13.91
C4 81A D . -1.66 -4.81 -12.68
O8 81A D . -3.10 -6.65 -15.56
S20 81A D . -4.66 -6.42 -15.71
O21 81A D . -4.93 -5.87 -17.01
O22 81A D . -5.13 -5.48 -14.73
O7 81A D . -1.49 -3.48 -12.29
C10 81A D . -0.23 -3.20 -11.59
C14 81A D . -0.27 -1.84 -10.89
CEA 81A D . 0.44 -0.59 -11.48
CEB 81A D . 1.00 -1.29 -10.23
C15 81A D . -1.55 -1.41 -10.17
O16 81A D . -2.73 -1.27 -10.94
N10 81A D . -2.56 -0.52 -11.97
C17 81A D . -3.02 0.72 -11.96
N11 81A D . -2.79 1.52 -12.95
N12 81A D . -3.74 1.16 -10.91
#